data_6HJS
#
_entry.id   6HJS
#
_cell.length_a   62.685
_cell.length_b   86.442
_cell.length_c   92.099
_cell.angle_alpha   90.00
_cell.angle_beta   90.00
_cell.angle_gamma   90.00
#
_symmetry.space_group_name_H-M   'P 21 21 21'
#
loop_
_entity.id
_entity.type
_entity.pdbx_description
1 polymer 'Uncharacterized protein'
2 non-polymer GLUTATHIONE
3 non-polymer '4-(2-HYDROXYETHYL)-1-PIPERAZINE ETHANESULFONIC ACID'
4 water water
#
_entity_poly.entity_id   1
_entity_poly.type   'polypeptide(L)'
_entity_poly.pdbx_seq_one_letter_code
;MPERITLYTAKICPFAQRAEIALAEAKAEFTPFQIDLSNKPEWYAPKVNPASKVPAIAYGGPEVPPDQPSPESVKLAESL
VLVEFVADLFPNSGILSSDPVTRAQTRFFIEGVSSKLIPAWYAYFLRGASVDDLYTAAEYVQSLLPAEGFAVGKFSAADI
AIAPFLARARVSLVNEIGKYPEGDGKKVWAALTSGKFARLGKYAEDLFARESFSSTFDEDYVTKAFSARFADLRSKHHHH
HH
;
_entity_poly.pdbx_strand_id   A,B
#
loop_
_chem_comp.id
_chem_comp.type
_chem_comp.name
_chem_comp.formula
EPE non-polymer '4-(2-HYDROXYETHYL)-1-PIPERAZINE ETHANESULFONIC ACID' 'C8 H18 N2 O4 S'
GSH non-polymer GLUTATHIONE 'C10 H17 N3 O6 S'
#
# COMPACT_ATOMS: atom_id res chain seq x y z
N PRO A 2 26.13 0.33 -4.99
CA PRO A 2 25.03 -0.35 -5.67
C PRO A 2 25.36 -0.74 -7.09
N GLU A 3 24.62 -1.71 -7.62
CA GLU A 3 24.74 -2.09 -9.02
C GLU A 3 24.11 -1.02 -9.90
N ARG A 4 24.23 -1.19 -11.22
CA ARG A 4 23.73 -0.17 -12.13
C ARG A 4 22.20 -0.13 -12.13
N ILE A 5 21.67 1.04 -12.45
CA ILE A 5 20.23 1.33 -12.41
C ILE A 5 19.80 1.93 -13.74
N THR A 6 18.80 1.33 -14.36
CA THR A 6 18.08 1.94 -15.46
C THR A 6 16.64 2.14 -15.04
N LEU A 7 16.14 3.35 -15.21
CA LEU A 7 14.77 3.71 -14.86
C LEU A 7 13.97 3.94 -16.13
N TYR A 8 12.88 3.18 -16.28
CA TYR A 8 11.90 3.40 -17.34
C TYR A 8 10.79 4.27 -16.76
N THR A 9 10.57 5.43 -17.39
CA THR A 9 9.77 6.48 -16.79
C THR A 9 8.97 7.23 -17.86
N ALA A 10 8.21 8.23 -17.42
CA ALA A 10 7.42 9.09 -18.31
C ALA A 10 7.16 10.40 -17.60
N LYS A 11 7.39 11.52 -18.30
CA LYS A 11 7.25 12.84 -17.68
C LYS A 11 5.83 13.10 -17.19
N ILE A 12 4.83 12.56 -17.90
CA ILE A 12 3.44 12.86 -17.55
C ILE A 12 3.05 12.16 -16.24
N CYS A 13 3.76 11.11 -15.84
CA CYS A 13 3.22 10.16 -14.89
C CYS A 13 3.66 10.44 -13.45
N PRO A 14 2.73 10.75 -12.54
CA PRO A 14 3.15 11.08 -11.17
C PRO A 14 3.77 9.91 -10.42
N PHE A 15 3.29 8.69 -10.68
CA PHE A 15 3.89 7.52 -10.04
C PHE A 15 5.35 7.39 -10.45
N ALA A 16 5.66 7.71 -11.71
CA ALA A 16 7.05 7.67 -12.16
C ALA A 16 7.88 8.79 -11.53
N GLN A 17 7.30 9.98 -11.38
CA GLN A 17 8.06 11.06 -10.77
C GLN A 17 8.47 10.70 -9.36
N ARG A 18 7.68 9.88 -8.64
CA ARG A 18 8.12 9.44 -7.32
C ARG A 18 9.52 8.84 -7.40
N ALA A 19 9.71 7.93 -8.36
CA ALA A 19 10.98 7.25 -8.51
C ALA A 19 12.08 8.23 -8.89
N GLU A 20 11.78 9.19 -9.77
CA GLU A 20 12.76 10.20 -10.13
C GLU A 20 13.17 11.05 -8.93
N ILE A 21 12.20 11.48 -8.11
CA ILE A 21 12.52 12.29 -6.93
C ILE A 21 13.42 11.52 -5.99
N ALA A 22 13.10 10.25 -5.74
CA ALA A 22 13.92 9.43 -4.87
C ALA A 22 15.37 9.33 -5.38
N LEU A 23 15.54 9.02 -6.66
CA LEU A 23 16.89 8.91 -7.21
C LEU A 23 17.65 10.23 -7.10
N ALA A 24 16.96 11.35 -7.31
CA ALA A 24 17.59 12.66 -7.15
C ALA A 24 18.00 12.91 -5.70
N GLU A 25 17.12 12.61 -4.74
CA GLU A 25 17.48 12.77 -3.32
C GLU A 25 18.72 11.96 -3.00
N ALA A 26 18.83 10.76 -3.58
CA ALA A 26 19.96 9.88 -3.29
C ALA A 26 21.21 10.24 -4.09
N LYS A 27 21.11 11.18 -5.03
CA LYS A 27 22.19 11.48 -5.97
C LYS A 27 22.71 10.20 -6.63
N ALA A 28 21.77 9.34 -7.02
CA ALA A 28 22.13 8.07 -7.64
C ALA A 28 22.51 8.28 -9.11
N GLU A 29 23.51 7.52 -9.55
CA GLU A 29 23.79 7.40 -10.98
C GLU A 29 22.78 6.46 -11.60
N PHE A 30 22.08 6.92 -12.63
CA PHE A 30 21.17 6.00 -13.30
C PHE A 30 20.96 6.43 -14.75
N THR A 31 20.54 5.48 -15.57
CA THR A 31 20.22 5.73 -16.96
C THR A 31 18.72 5.81 -17.11
N PRO A 32 18.18 6.95 -17.54
CA PRO A 32 16.74 7.05 -17.79
C PRO A 32 16.37 6.55 -19.18
N PHE A 33 15.11 6.15 -19.31
CA PHE A 33 14.54 5.86 -20.63
C PHE A 33 13.08 6.29 -20.61
N GLN A 34 12.70 7.17 -21.52
CA GLN A 34 11.32 7.65 -21.56
C GLN A 34 10.45 6.67 -22.33
N ILE A 35 9.33 6.27 -21.71
CA ILE A 35 8.32 5.45 -22.37
C ILE A 35 7.19 6.37 -22.83
N ASP A 36 6.86 6.30 -24.12
CA ASP A 36 5.67 6.99 -24.63
C ASP A 36 4.48 6.10 -24.32
N LEU A 37 3.63 6.54 -23.40
CA LEU A 37 2.52 5.69 -22.98
C LEU A 37 1.48 5.51 -24.07
N SER A 38 1.46 6.36 -25.10
CA SER A 38 0.58 6.19 -26.24
C SER A 38 1.19 5.34 -27.34
N ASN A 39 2.45 4.93 -27.20
CA ASN A 39 3.18 4.23 -28.23
C ASN A 39 4.30 3.43 -27.58
N LYS A 40 3.93 2.45 -26.76
CA LYS A 40 4.92 1.73 -25.99
C LYS A 40 5.75 0.81 -26.89
N PRO A 41 7.03 0.66 -26.58
CA PRO A 41 7.86 -0.28 -27.34
C PRO A 41 7.35 -1.71 -27.16
N GLU A 42 7.40 -2.49 -28.24
CA GLU A 42 6.95 -3.87 -28.16
C GLU A 42 7.76 -4.69 -27.16
N TRP A 43 9.00 -4.27 -26.87
CA TRP A 43 9.85 -5.05 -26.00
C TRP A 43 9.59 -4.77 -24.51
N TYR A 44 8.81 -3.74 -24.20
CA TYR A 44 8.75 -3.26 -22.82
C TYR A 44 8.03 -4.24 -21.90
N ALA A 45 6.85 -4.71 -22.32
CA ALA A 45 6.10 -5.64 -21.46
C ALA A 45 6.83 -6.97 -21.32
N PRO A 46 7.30 -7.63 -22.40
CA PRO A 46 7.92 -8.94 -22.20
C PRO A 46 9.30 -8.90 -21.56
N LYS A 47 10.04 -7.81 -21.70
CA LYS A 47 11.43 -7.78 -21.24
C LYS A 47 11.59 -7.05 -19.91
N VAL A 48 10.72 -6.08 -19.61
CA VAL A 48 10.93 -5.21 -18.46
C VAL A 48 9.80 -5.29 -17.44
N ASN A 49 8.56 -5.02 -17.85
CA ASN A 49 7.42 -4.96 -16.94
C ASN A 49 6.19 -5.55 -17.61
N PRO A 50 5.79 -6.75 -17.24
CA PRO A 50 4.60 -7.36 -17.85
C PRO A 50 3.32 -6.59 -17.59
N ALA A 51 3.27 -5.75 -16.54
CA ALA A 51 2.11 -4.88 -16.34
C ALA A 51 2.04 -3.74 -17.35
N SER A 52 3.10 -3.53 -18.12
CA SER A 52 3.16 -2.50 -19.15
C SER A 52 2.88 -1.10 -18.58
N LYS A 53 3.49 -0.79 -17.43
CA LYS A 53 3.34 0.53 -16.81
C LYS A 53 4.70 1.09 -16.40
N VAL A 54 4.75 2.40 -16.23
CA VAL A 54 5.89 3.05 -15.58
C VAL A 54 5.48 3.49 -14.18
N PRO A 55 6.46 3.58 -13.26
CA PRO A 55 7.89 3.36 -13.44
C PRO A 55 8.32 1.89 -13.32
N ALA A 56 9.49 1.56 -13.87
CA ALA A 56 10.15 0.28 -13.61
C ALA A 56 11.65 0.51 -13.59
N ILE A 57 12.35 -0.40 -12.91
CA ILE A 57 13.80 -0.36 -12.82
C ILE A 57 14.38 -1.69 -13.28
N ALA A 58 15.45 -1.64 -14.07
CA ALA A 58 16.31 -2.79 -14.27
C ALA A 58 17.55 -2.61 -13.40
N TYR A 59 17.80 -3.55 -12.49
CA TYR A 59 18.87 -3.41 -11.51
C TYR A 59 19.97 -4.43 -11.80
N GLY A 60 21.19 -3.94 -12.02
CA GLY A 60 22.32 -4.83 -12.23
C GLY A 60 22.42 -5.33 -13.66
N GLY A 61 23.09 -6.47 -13.79
CA GLY A 61 23.39 -7.02 -15.09
C GLY A 61 24.52 -6.26 -15.76
N PRO A 62 24.82 -6.64 -17.00
CA PRO A 62 25.86 -5.93 -17.75
C PRO A 62 25.37 -4.59 -18.28
N GLU A 63 26.34 -3.73 -18.62
CA GLU A 63 26.02 -2.41 -19.18
C GLU A 63 25.43 -2.57 -20.58
N VAL A 64 24.14 -2.30 -20.72
CA VAL A 64 23.47 -2.47 -22.01
C VAL A 64 22.63 -1.22 -22.27
N PRO A 65 22.28 -0.98 -23.54
CA PRO A 65 21.32 0.09 -23.81
C PRO A 65 19.98 -0.24 -23.21
N PRO A 66 19.23 0.76 -22.75
CA PRO A 66 17.95 0.47 -22.08
C PRO A 66 16.94 -0.22 -22.95
N ASP A 67 17.03 -0.05 -24.27
CA ASP A 67 16.12 -0.74 -25.16
C ASP A 67 16.63 -2.11 -25.55
N GLN A 68 17.78 -2.52 -25.02
CA GLN A 68 18.25 -3.91 -25.13
C GLN A 68 18.57 -4.45 -23.74
N PRO A 69 17.55 -4.57 -22.88
CA PRO A 69 17.80 -5.05 -21.51
C PRO A 69 18.33 -6.48 -21.49
N SER A 70 19.10 -6.75 -20.55
CA SER A 70 19.62 -8.09 -20.34
C SER A 70 18.73 -8.86 -19.37
N PRO A 71 18.43 -10.13 -19.65
CA PRO A 71 17.68 -10.94 -18.67
C PRO A 71 18.42 -11.12 -17.36
N GLU A 72 19.70 -10.72 -17.28
CA GLU A 72 20.46 -10.85 -16.05
C GLU A 72 20.20 -9.72 -15.06
N SER A 73 19.58 -8.62 -15.50
CA SER A 73 19.20 -7.57 -14.56
C SER A 73 17.89 -7.94 -13.88
N VAL A 74 17.79 -7.62 -12.58
CA VAL A 74 16.56 -7.79 -11.83
C VAL A 74 15.57 -6.70 -12.22
N LYS A 75 14.35 -7.10 -12.61
CA LYS A 75 13.32 -6.13 -12.99
C LYS A 75 12.41 -5.83 -11.80
N LEU A 76 12.19 -4.54 -11.52
CA LEU A 76 11.39 -4.09 -10.39
C LEU A 76 10.35 -3.08 -10.86
N ALA A 77 9.22 -3.05 -10.17
CA ALA A 77 8.15 -2.11 -10.48
C ALA A 77 7.38 -1.80 -9.19
N GLU A 78 6.35 -0.98 -9.35
CA GLU A 78 5.53 -0.34 -8.31
C GLU A 78 6.26 0.83 -7.67
N SER A 79 5.73 2.03 -7.91
CA SER A 79 6.41 3.28 -7.52
C SER A 79 6.82 3.29 -6.04
N LEU A 80 5.92 2.91 -5.12
CA LEU A 80 6.26 2.97 -3.71
C LEU A 80 7.31 1.94 -3.33
N VAL A 81 7.32 0.79 -4.02
CA VAL A 81 8.38 -0.20 -3.84
C VAL A 81 9.72 0.37 -4.32
N LEU A 82 9.70 1.07 -5.45
CA LEU A 82 10.94 1.62 -6.01
C LEU A 82 11.53 2.69 -5.10
N VAL A 83 10.69 3.54 -4.51
CA VAL A 83 11.20 4.60 -3.63
C VAL A 83 11.90 3.99 -2.42
N GLU A 84 11.27 2.98 -1.80
CA GLU A 84 11.93 2.34 -0.66
C GLU A 84 13.14 1.52 -1.11
N PHE A 85 13.12 1.02 -2.35
CA PHE A 85 14.31 0.37 -2.90
C PHE A 85 15.49 1.35 -2.98
N VAL A 86 15.24 2.54 -3.51
CA VAL A 86 16.32 3.54 -3.54
C VAL A 86 16.77 3.89 -2.12
N ALA A 87 15.81 4.02 -1.19
CA ALA A 87 16.15 4.29 0.21
C ALA A 87 17.02 3.18 0.80
N ASP A 88 16.74 1.92 0.46
CA ASP A 88 17.53 0.82 1.00
C ASP A 88 18.90 0.73 0.34
N LEU A 89 19.01 1.11 -0.95
CA LEU A 89 20.31 1.12 -1.60
C LEU A 89 21.22 2.23 -1.07
N PHE A 90 20.63 3.34 -0.63
CA PHE A 90 21.36 4.54 -0.23
C PHE A 90 20.95 4.91 1.19
N PRO A 91 21.50 4.25 2.20
CA PRO A 91 21.06 4.47 3.58
C PRO A 91 21.39 5.86 4.11
N ASN A 92 22.27 6.60 3.45
CA ASN A 92 22.56 7.98 3.83
C ASN A 92 21.81 9.00 2.98
N SER A 93 20.85 8.56 2.16
CA SER A 93 20.10 9.48 1.31
C SER A 93 19.11 10.34 2.07
N GLY A 94 18.65 9.89 3.25
CA GLY A 94 17.57 10.55 3.95
C GLY A 94 16.17 10.21 3.47
N ILE A 95 16.03 9.31 2.48
CA ILE A 95 14.67 9.00 2.00
C ILE A 95 13.83 8.38 3.12
N LEU A 96 14.46 7.58 3.98
CA LEU A 96 13.80 7.10 5.18
C LEU A 96 14.68 7.38 6.38
N SER A 97 14.05 7.81 7.47
CA SER A 97 14.69 7.84 8.77
C SER A 97 15.22 6.46 9.13
N SER A 98 16.26 6.44 9.97
CA SER A 98 16.70 5.18 10.56
C SER A 98 15.83 4.73 11.74
N ASP A 99 14.95 5.61 12.24
CA ASP A 99 14.22 5.40 13.48
C ASP A 99 12.95 4.60 13.21
N PRO A 100 12.73 3.47 13.88
CA PRO A 100 11.52 2.67 13.59
C PRO A 100 10.19 3.41 13.69
N VAL A 101 9.96 4.19 14.76
CA VAL A 101 8.71 4.94 14.88
C VAL A 101 8.55 5.93 13.73
N THR A 102 9.62 6.66 13.40
CA THR A 102 9.51 7.64 12.32
C THR A 102 9.21 6.96 10.99
N ARG A 103 9.84 5.81 10.74
CA ARG A 103 9.56 5.07 9.52
C ARG A 103 8.10 4.63 9.47
N ALA A 104 7.55 4.22 10.61
CA ALA A 104 6.13 3.83 10.62
C ALA A 104 5.24 5.03 10.35
N GLN A 105 5.57 6.19 10.96
CA GLN A 105 4.78 7.40 10.70
C GLN A 105 4.89 7.82 9.25
N THR A 106 6.07 7.61 8.63
CA THR A 106 6.24 7.89 7.21
C THR A 106 5.28 7.05 6.36
N ARG A 107 5.26 5.75 6.61
CA ARG A 107 4.39 4.86 5.83
C ARG A 107 2.91 5.08 6.14
N PHE A 108 2.60 5.46 7.38
CA PHE A 108 1.22 5.79 7.73
C PHE A 108 0.72 6.99 6.95
N PHE A 109 1.57 8.01 6.78
CA PHE A 109 1.19 9.14 5.95
C PHE A 109 0.92 8.69 4.51
N ILE A 110 1.80 7.84 3.97
CA ILE A 110 1.63 7.35 2.60
C ILE A 110 0.31 6.59 2.46
N GLU A 111 -0.08 5.87 3.52
CA GLU A 111 -1.37 5.17 3.45
C GLU A 111 -2.53 6.14 3.37
N GLY A 112 -2.46 7.28 4.09
CA GLY A 112 -3.51 8.28 3.95
C GLY A 112 -3.57 8.84 2.56
N VAL A 113 -2.39 9.05 1.95
CA VAL A 113 -2.32 9.59 0.60
C VAL A 113 -2.91 8.62 -0.40
N SER A 114 -2.52 7.34 -0.29
CA SER A 114 -2.91 6.36 -1.30
C SER A 114 -4.35 5.91 -1.14
N SER A 115 -4.85 5.83 0.09
CA SER A 115 -6.20 5.31 0.31
C SER A 115 -7.27 6.39 0.30
N LYS A 116 -6.95 7.63 0.65
CA LYS A 116 -7.95 8.69 0.73
C LYS A 116 -7.72 9.75 -0.33
N LEU A 117 -6.53 10.37 -0.38
CA LEU A 117 -6.37 11.56 -1.20
C LEU A 117 -6.38 11.22 -2.68
N ILE A 118 -5.56 10.26 -3.11
CA ILE A 118 -5.46 9.96 -4.53
C ILE A 118 -6.78 9.46 -5.09
N PRO A 119 -7.52 8.54 -4.44
CA PRO A 119 -8.81 8.14 -5.04
C PRO A 119 -9.80 9.29 -5.11
N ALA A 120 -9.82 10.17 -4.11
CA ALA A 120 -10.75 11.30 -4.11
C ALA A 120 -10.39 12.27 -5.24
N TRP A 121 -9.10 12.48 -5.50
CA TRP A 121 -8.69 13.35 -6.61
C TRP A 121 -9.15 12.78 -7.94
N TYR A 122 -8.89 11.50 -8.20
CA TYR A 122 -9.25 10.98 -9.50
C TYR A 122 -10.76 10.88 -9.69
N ALA A 123 -11.51 10.66 -8.61
CA ALA A 123 -12.97 10.70 -8.72
C ALA A 123 -13.45 12.07 -9.15
N TYR A 124 -12.91 13.12 -8.53
CA TYR A 124 -13.30 14.48 -8.86
C TYR A 124 -12.83 14.84 -10.27
N PHE A 125 -11.57 14.52 -10.59
CA PHE A 125 -10.95 14.93 -11.84
C PHE A 125 -11.53 14.21 -13.04
N LEU A 126 -11.58 12.88 -12.97
CA LEU A 126 -12.00 12.11 -14.13
C LEU A 126 -13.52 11.98 -14.26
N ARG A 127 -14.24 11.96 -13.13
CA ARG A 127 -15.65 11.62 -13.18
C ARG A 127 -16.58 12.74 -12.72
N GLY A 128 -16.05 13.84 -12.22
CA GLY A 128 -16.92 14.88 -11.72
C GLY A 128 -17.65 14.47 -10.46
N ALA A 129 -17.04 13.60 -9.66
CA ALA A 129 -17.58 13.33 -8.34
C ALA A 129 -17.60 14.62 -7.53
N SER A 130 -18.42 14.63 -6.48
CA SER A 130 -18.41 15.77 -5.59
C SER A 130 -17.01 16.01 -5.04
N VAL A 131 -16.69 17.29 -4.86
CA VAL A 131 -15.46 17.70 -4.20
C VAL A 131 -15.42 17.30 -2.73
N ASP A 132 -16.56 16.86 -2.16
CA ASP A 132 -16.63 16.57 -0.73
C ASP A 132 -15.51 15.66 -0.26
N ASP A 133 -15.33 14.52 -0.94
CA ASP A 133 -14.33 13.56 -0.50
C ASP A 133 -12.92 14.08 -0.69
N LEU A 134 -12.71 14.97 -1.68
CA LEU A 134 -11.40 15.58 -1.85
C LEU A 134 -11.05 16.47 -0.66
N TYR A 135 -11.99 17.30 -0.20
CA TYR A 135 -11.72 18.11 0.98
C TYR A 135 -11.50 17.23 2.21
N THR A 136 -12.31 16.18 2.37
CA THR A 136 -12.18 15.31 3.53
C THR A 136 -10.81 14.66 3.55
N ALA A 137 -10.34 14.21 2.38
CA ALA A 137 -9.03 13.55 2.33
C ALA A 137 -7.91 14.55 2.51
N ALA A 138 -8.05 15.75 1.94
CA ALA A 138 -7.01 16.76 2.12
C ALA A 138 -6.94 17.22 3.56
N GLU A 139 -8.09 17.34 4.23
CA GLU A 139 -8.09 17.72 5.64
C GLU A 139 -7.40 16.66 6.49
N TYR A 140 -7.66 15.38 6.19
CA TYR A 140 -7.02 14.29 6.90
C TYR A 140 -5.51 14.34 6.72
N VAL A 141 -5.05 14.44 5.47
CA VAL A 141 -3.61 14.49 5.24
C VAL A 141 -3.01 15.72 5.90
N GLN A 142 -3.71 16.85 5.83
CA GLN A 142 -3.22 18.06 6.49
C GLN A 142 -3.05 17.85 7.98
N SER A 143 -3.96 17.07 8.60
CA SER A 143 -3.93 16.90 10.05
C SER A 143 -2.73 16.06 10.51
N LEU A 144 -2.11 15.30 9.60
CA LEU A 144 -0.93 14.53 9.96
C LEU A 144 0.34 15.37 9.94
N LEU A 145 0.29 16.58 9.37
CA LEU A 145 1.51 17.38 9.24
C LEU A 145 1.92 17.96 10.59
N PRO A 146 3.21 18.08 10.84
CA PRO A 146 3.67 18.84 12.00
C PRO A 146 3.50 20.33 11.72
N ALA A 147 3.69 21.13 12.78
CA ALA A 147 3.50 22.57 12.64
C ALA A 147 4.40 23.17 11.57
N GLU A 148 5.63 22.68 11.47
CA GLU A 148 6.57 23.14 10.46
C GLU A 148 7.23 21.94 9.79
N GLY A 149 7.64 22.14 8.55
CA GLY A 149 8.45 21.16 7.86
C GLY A 149 7.63 20.22 6.99
N PHE A 150 8.20 19.04 6.77
CA PHE A 150 7.66 18.06 5.85
C PHE A 150 6.86 17.01 6.64
N ALA A 151 6.44 15.93 5.96
CA ALA A 151 5.41 15.04 6.50
C ALA A 151 5.76 14.51 7.90
N VAL A 152 7.02 14.12 8.13
CA VAL A 152 7.45 13.70 9.45
C VAL A 152 8.65 14.53 9.88
N GLY A 153 8.71 15.75 9.37
CA GLY A 153 9.77 16.70 9.69
C GLY A 153 10.79 16.77 8.58
N LYS A 154 11.82 15.96 8.70
CA LYS A 154 12.82 15.82 7.65
C LYS A 154 12.20 15.19 6.41
N PHE A 155 12.51 15.75 5.25
CA PHE A 155 12.00 15.25 3.97
C PHE A 155 12.17 13.74 3.88
N SER A 156 11.17 13.06 3.32
CA SER A 156 11.18 11.60 3.33
C SER A 156 10.33 11.05 2.19
N ALA A 157 10.27 9.71 2.14
CA ALA A 157 9.42 9.02 1.18
C ALA A 157 7.96 9.47 1.23
N ALA A 158 7.49 9.94 2.40
CA ALA A 158 6.12 10.43 2.51
C ALA A 158 5.90 11.62 1.59
N ASP A 159 6.85 12.56 1.57
CA ASP A 159 6.76 13.73 0.70
C ASP A 159 6.93 13.33 -0.75
N ILE A 160 7.82 12.37 -1.00
CA ILE A 160 8.00 11.86 -2.36
C ILE A 160 6.70 11.28 -2.89
N ALA A 161 5.95 10.59 -2.03
CA ALA A 161 4.74 9.91 -2.48
C ALA A 161 3.68 10.90 -2.95
N ILE A 162 3.56 12.05 -2.28
CA ILE A 162 2.43 12.96 -2.49
C ILE A 162 2.76 14.06 -3.49
N ALA A 163 4.03 14.50 -3.55
CA ALA A 163 4.33 15.71 -4.31
C ALA A 163 3.92 15.64 -5.78
N PRO A 164 4.16 14.56 -6.52
CA PRO A 164 3.74 14.53 -7.93
C PRO A 164 2.25 14.65 -8.10
N PHE A 165 1.47 14.22 -7.10
CA PHE A 165 0.02 14.30 -7.21
C PHE A 165 -0.51 15.70 -6.88
N LEU A 166 0.06 16.35 -5.85
CA LEU A 166 -0.31 17.75 -5.60
C LEU A 166 0.05 18.62 -6.80
N ALA A 167 1.20 18.36 -7.43
CA ALA A 167 1.62 19.16 -8.58
C ALA A 167 0.63 19.03 -9.75
N ARG A 168 0.21 17.82 -10.06
CA ARG A 168 -0.70 17.63 -11.18
C ARG A 168 -2.14 18.00 -10.84
N ALA A 169 -2.51 17.93 -9.56
CA ALA A 169 -3.78 18.51 -9.16
C ALA A 169 -3.80 20.01 -9.42
N ARG A 170 -2.72 20.71 -9.08
CA ARG A 170 -2.67 22.16 -9.33
C ARG A 170 -2.75 22.44 -10.82
N VAL A 171 -1.93 21.75 -11.62
CA VAL A 171 -1.94 21.93 -13.07
C VAL A 171 -3.35 21.79 -13.61
N SER A 172 -4.04 20.72 -13.22
CA SER A 172 -5.40 20.48 -13.70
C SER A 172 -6.36 21.57 -13.24
N LEU A 173 -6.35 21.87 -11.94
CA LEU A 173 -7.36 22.75 -11.38
C LEU A 173 -7.23 24.17 -11.92
N VAL A 174 -6.02 24.72 -11.90
CA VAL A 174 -5.87 26.12 -12.30
C VAL A 174 -6.13 26.30 -13.80
N ASN A 175 -6.10 25.22 -14.57
CA ASN A 175 -6.42 25.28 -16.00
C ASN A 175 -7.81 24.74 -16.32
N GLU A 176 -8.63 24.48 -15.29
CA GLU A 176 -10.00 23.97 -15.44
C GLU A 176 -10.06 22.67 -16.25
N ILE A 177 -8.98 21.88 -16.21
CA ILE A 177 -8.99 20.58 -16.84
C ILE A 177 -9.64 19.58 -15.90
N GLY A 178 -10.65 18.87 -16.38
CA GLY A 178 -11.35 17.88 -15.58
C GLY A 178 -12.82 17.79 -15.96
N LYS A 179 -13.52 16.89 -15.25
CA LYS A 179 -14.94 16.62 -15.47
C LYS A 179 -15.84 17.38 -14.50
N TYR A 180 -15.26 17.95 -13.44
CA TYR A 180 -15.98 18.81 -12.51
C TYR A 180 -16.48 20.06 -13.24
N PRO A 181 -17.40 20.82 -12.65
CA PRO A 181 -17.97 21.97 -13.36
C PRO A 181 -16.92 23.00 -13.72
N GLU A 182 -16.93 23.40 -14.99
CA GLU A 182 -15.93 24.33 -15.48
C GLU A 182 -16.02 25.65 -14.71
N GLY A 183 -14.88 26.09 -14.19
CA GLY A 183 -14.83 27.28 -13.36
C GLY A 183 -14.62 27.00 -11.88
N ASP A 184 -14.90 25.77 -11.43
CA ASP A 184 -14.67 25.39 -10.04
C ASP A 184 -13.21 25.13 -9.75
N GLY A 185 -12.41 24.79 -10.78
CA GLY A 185 -11.05 24.35 -10.57
C GLY A 185 -10.19 25.35 -9.81
N LYS A 186 -10.11 26.58 -10.33
CA LYS A 186 -9.29 27.58 -9.65
C LYS A 186 -9.78 27.82 -8.23
N LYS A 187 -11.10 27.78 -8.03
CA LYS A 187 -11.65 27.96 -6.70
C LYS A 187 -11.19 26.86 -5.76
N VAL A 188 -11.14 25.62 -6.26
CA VAL A 188 -10.82 24.49 -5.39
C VAL A 188 -9.34 24.49 -5.02
N TRP A 189 -8.45 24.78 -5.98
CA TRP A 189 -7.03 24.84 -5.62
C TRP A 189 -6.78 25.96 -4.60
N ALA A 190 -7.43 27.11 -4.78
CA ALA A 190 -7.28 28.19 -3.80
C ALA A 190 -7.80 27.74 -2.43
N ALA A 191 -8.95 27.08 -2.40
CA ALA A 191 -9.51 26.61 -1.13
C ALA A 191 -8.62 25.56 -0.47
N LEU A 192 -7.94 24.73 -1.26
CA LEU A 192 -7.06 23.69 -0.73
C LEU A 192 -5.72 24.23 -0.22
N THR A 193 -5.44 25.52 -0.42
CA THR A 193 -4.12 26.06 -0.10
C THR A 193 -4.19 27.33 0.75
N SER A 194 -5.36 27.64 1.30
CA SER A 194 -5.55 28.89 2.02
C SER A 194 -6.60 28.71 3.11
N GLY A 195 -6.63 29.65 4.04
CA GLY A 195 -7.63 29.63 5.09
C GLY A 195 -7.49 28.39 5.97
N LYS A 196 -8.58 27.63 6.05
CA LYS A 196 -8.58 26.35 6.76
C LYS A 196 -7.47 25.43 6.26
N PHE A 197 -7.10 25.56 5.00
CA PHE A 197 -6.04 24.74 4.41
C PHE A 197 -4.74 25.51 4.23
N ALA A 198 -4.48 26.52 5.05
CA ALA A 198 -3.23 27.25 4.90
C ALA A 198 -2.02 26.36 5.17
N ARG A 199 -2.14 25.41 6.12
CA ARG A 199 -1.02 24.51 6.38
C ARG A 199 -0.69 23.66 5.17
N LEU A 200 -1.73 23.15 4.51
CA LEU A 200 -1.54 22.37 3.28
C LEU A 200 -0.94 23.23 2.17
N GLY A 201 -1.37 24.49 2.08
CA GLY A 201 -0.77 25.40 1.11
C GLY A 201 0.70 25.63 1.35
N LYS A 202 1.10 25.77 2.63
CA LYS A 202 2.51 25.91 2.96
C LYS A 202 3.28 24.62 2.63
N TYR A 203 2.66 23.48 2.90
CA TYR A 203 3.26 22.19 2.58
C TYR A 203 3.52 22.07 1.08
N ALA A 204 2.52 22.41 0.26
CA ALA A 204 2.68 22.33 -1.18
C ALA A 204 3.81 23.24 -1.66
N GLU A 205 3.85 24.48 -1.15
CA GLU A 205 4.94 25.39 -1.49
C GLU A 205 6.30 24.74 -1.24
N ASP A 206 6.47 24.18 -0.03
CA ASP A 206 7.76 23.59 0.31
C ASP A 206 8.08 22.38 -0.55
N LEU A 207 7.07 21.55 -0.86
CA LEU A 207 7.30 20.42 -1.76
C LEU A 207 7.79 20.90 -3.12
N PHE A 208 7.07 21.87 -3.70
CA PHE A 208 7.38 22.32 -5.06
C PHE A 208 8.74 23.00 -5.14
N ALA A 209 9.22 23.56 -4.03
CA ALA A 209 10.53 24.20 -3.99
C ALA A 209 11.67 23.22 -3.80
N ARG A 210 11.39 21.99 -3.39
CA ARG A 210 12.44 21.00 -3.20
C ARG A 210 13.15 20.72 -4.52
N GLU A 211 14.48 20.72 -4.49
CA GLU A 211 15.26 20.61 -5.72
C GLU A 211 14.98 19.29 -6.43
N SER A 212 14.80 18.20 -5.68
CA SER A 212 14.52 16.93 -6.32
C SER A 212 13.14 16.92 -6.98
N PHE A 213 12.22 17.76 -6.51
CA PHE A 213 10.95 17.90 -7.21
C PHE A 213 11.09 18.77 -8.45
N SER A 214 11.59 20.00 -8.28
CA SER A 214 11.58 20.93 -9.41
C SER A 214 12.47 20.42 -10.55
N SER A 215 13.55 19.72 -10.23
CA SER A 215 14.43 19.21 -11.28
C SER A 215 13.85 17.98 -11.99
N THR A 216 12.75 17.42 -11.49
CA THR A 216 12.09 16.28 -12.13
C THR A 216 10.67 16.62 -12.56
N PHE A 217 10.31 17.90 -12.59
CA PHE A 217 8.98 18.37 -13.00
C PHE A 217 9.12 19.40 -14.12
N ASP A 218 8.62 19.05 -15.30
CA ASP A 218 8.61 19.94 -16.46
C ASP A 218 7.18 20.48 -16.56
N GLU A 219 6.92 21.61 -15.89
CA GLU A 219 5.53 22.04 -15.75
C GLU A 219 4.89 22.33 -17.11
N ASP A 220 5.66 22.92 -18.04
CA ASP A 220 5.08 23.20 -19.33
C ASP A 220 4.70 21.91 -20.07
N TYR A 221 5.58 20.90 -20.04
CA TYR A 221 5.27 19.65 -20.71
C TYR A 221 4.06 18.98 -20.09
N VAL A 222 4.02 18.91 -18.76
CA VAL A 222 2.92 18.21 -18.08
C VAL A 222 1.59 18.94 -18.34
N THR A 223 1.61 20.27 -18.26
CA THR A 223 0.40 21.04 -18.54
C THR A 223 -0.09 20.75 -19.95
N LYS A 224 0.82 20.81 -20.94
CA LYS A 224 0.40 20.58 -22.32
C LYS A 224 -0.09 19.14 -22.51
N ALA A 225 0.55 18.18 -21.84
CA ALA A 225 0.15 16.79 -22.01
C ALA A 225 -1.19 16.52 -21.34
N PHE A 226 -1.43 17.13 -20.17
CA PHE A 226 -2.74 17.01 -19.52
C PHE A 226 -3.84 17.67 -20.34
N SER A 227 -3.55 18.84 -20.91
CA SER A 227 -4.55 19.55 -21.69
C SER A 227 -4.94 18.77 -22.93
N ALA A 228 -3.95 18.21 -23.63
CA ALA A 228 -4.23 17.41 -24.81
C ALA A 228 -4.98 16.13 -24.44
N ARG A 229 -4.57 15.47 -23.36
CA ARG A 229 -5.13 14.16 -23.04
C ARG A 229 -6.55 14.26 -22.50
N PHE A 230 -6.85 15.32 -21.74
CA PHE A 230 -8.12 15.42 -21.02
C PHE A 230 -8.99 16.56 -21.53
N ALA A 231 -8.70 17.09 -22.72
CA ALA A 231 -9.51 18.17 -23.29
C ALA A 231 -10.97 17.78 -23.42
N ASP A 232 -11.27 16.52 -23.76
CA ASP A 232 -12.63 16.14 -24.09
C ASP A 232 -13.42 15.60 -22.91
N LEU A 233 -12.92 15.74 -21.67
CA LEU A 233 -13.63 15.13 -20.55
C LEU A 233 -15.07 15.60 -20.48
N ARG A 234 -15.31 16.90 -20.63
CA ARG A 234 -16.67 17.40 -20.54
C ARG A 234 -17.48 17.19 -21.81
N SER A 235 -16.82 17.00 -22.96
CA SER A 235 -17.52 17.05 -24.24
C SER A 235 -17.69 15.70 -24.93
N LYS A 236 -16.87 14.71 -24.58
CA LYS A 236 -16.95 13.39 -25.21
C LYS A 236 -18.24 12.69 -24.82
N HIS A 237 -18.88 12.04 -25.79
CA HIS A 237 -20.11 11.32 -25.51
C HIS A 237 -19.83 9.90 -25.00
N PRO B 2 13.31 -3.33 22.39
CA PRO B 2 12.41 -2.20 22.14
C PRO B 2 11.68 -1.75 23.39
N GLU B 3 10.92 -0.67 23.26
CA GLU B 3 10.06 -0.19 24.34
C GLU B 3 8.85 -1.10 24.45
N ARG B 4 8.00 -0.84 25.46
CA ARG B 4 6.86 -1.72 25.70
C ARG B 4 5.88 -1.64 24.54
N ILE B 5 5.24 -2.77 24.25
CA ILE B 5 4.31 -2.89 23.14
C ILE B 5 2.97 -3.40 23.66
N THR B 6 1.91 -2.66 23.36
CA THR B 6 0.54 -3.10 23.61
C THR B 6 -0.20 -3.17 22.28
N LEU B 7 -0.77 -4.33 21.96
CA LEU B 7 -1.45 -4.54 20.69
C LEU B 7 -2.95 -4.63 20.92
N TYR B 8 -3.67 -3.72 20.28
CA TYR B 8 -5.14 -3.76 20.25
C TYR B 8 -5.56 -4.57 19.05
N THR B 9 -6.30 -5.66 19.29
CA THR B 9 -6.46 -6.71 18.30
C THR B 9 -7.85 -7.32 18.42
N ALA B 10 -8.14 -8.25 17.52
CA ALA B 10 -9.40 -9.02 17.53
C ALA B 10 -9.18 -10.34 16.82
N LYS B 11 -9.66 -11.43 17.43
CA LYS B 11 -9.46 -12.75 16.83
C LYS B 11 -10.09 -12.86 15.44
N ILE B 12 -11.21 -12.16 15.22
CA ILE B 12 -11.89 -12.29 13.93
C ILE B 12 -11.13 -11.62 12.80
N CYS B 13 -10.21 -10.70 13.10
CA CYS B 13 -9.75 -9.73 12.10
C CYS B 13 -8.46 -10.17 11.41
N PRO B 14 -8.46 -10.37 10.08
CA PRO B 14 -7.21 -10.77 9.40
C PRO B 14 -6.15 -9.70 9.43
N PHE B 15 -6.56 -8.41 9.34
CA PHE B 15 -5.58 -7.34 9.46
C PHE B 15 -4.84 -7.41 10.79
N ALA B 16 -5.57 -7.70 11.88
CA ALA B 16 -4.92 -7.79 13.18
C ALA B 16 -4.06 -9.04 13.29
N GLN B 17 -4.52 -10.15 12.69
CA GLN B 17 -3.70 -11.35 12.74
C GLN B 17 -2.34 -11.12 12.09
N ARG B 18 -2.28 -10.26 11.06
CA ARG B 18 -0.99 -9.89 10.47
C ARG B 18 -0.01 -9.46 11.54
N ALA B 19 -0.44 -8.53 12.39
CA ALA B 19 0.44 -8.01 13.43
C ALA B 19 0.78 -9.10 14.44
N GLU B 20 -0.18 -9.96 14.77
CA GLU B 20 0.09 -11.04 15.72
C GLU B 20 1.12 -12.01 15.19
N ILE B 21 1.04 -12.35 13.91
CA ILE B 21 2.03 -13.23 13.29
C ILE B 21 3.40 -12.59 13.34
N ALA B 22 3.49 -11.29 13.01
CA ALA B 22 4.77 -10.59 13.05
C ALA B 22 5.37 -10.62 14.45
N LEU B 23 4.57 -10.30 15.47
CA LEU B 23 5.09 -10.34 16.84
C LEU B 23 5.55 -11.74 17.21
N ALA B 24 4.84 -12.78 16.78
CA ALA B 24 5.27 -14.15 17.09
C ALA B 24 6.58 -14.50 16.39
N GLU B 25 6.73 -14.11 15.11
CA GLU B 25 7.99 -14.38 14.41
C GLU B 25 9.16 -13.69 15.10
N ALA B 26 8.93 -12.48 15.64
CA ALA B 26 9.98 -11.73 16.31
C ALA B 26 10.23 -12.18 17.75
N LYS B 27 9.40 -13.07 18.29
CA LYS B 27 9.44 -13.43 19.72
C LYS B 27 9.37 -12.18 20.60
N ALA B 28 8.54 -11.23 20.18
CA ALA B 28 8.41 -9.96 20.89
C ALA B 28 7.58 -10.12 22.16
N GLU B 29 8.00 -9.42 23.22
CA GLU B 29 7.16 -9.29 24.41
C GLU B 29 6.10 -8.24 24.13
N PHE B 30 4.83 -8.56 24.36
CA PHE B 30 3.79 -7.56 24.20
C PHE B 30 2.56 -7.95 25.02
N THR B 31 1.72 -6.94 25.29
CA THR B 31 0.45 -7.13 25.97
C THR B 31 -0.68 -7.02 24.96
N PRO B 32 -1.45 -8.08 24.72
CA PRO B 32 -2.62 -7.96 23.86
C PRO B 32 -3.83 -7.45 24.61
N PHE B 33 -4.73 -6.81 23.87
CA PHE B 33 -6.03 -6.40 24.40
C PHE B 33 -7.07 -6.64 23.31
N GLN B 34 -8.09 -7.41 23.63
CA GLN B 34 -9.12 -7.72 22.63
C GLN B 34 -10.14 -6.59 22.56
N ILE B 35 -10.26 -5.98 21.39
CA ILE B 35 -11.25 -4.94 21.18
C ILE B 35 -12.57 -5.60 20.79
N ASP B 36 -13.61 -5.26 21.54
CA ASP B 36 -14.97 -5.72 21.29
C ASP B 36 -15.50 -4.96 20.09
N LEU B 37 -15.45 -5.57 18.91
CA LEU B 37 -15.82 -4.85 17.71
C LEU B 37 -17.33 -4.66 17.61
N SER B 38 -18.11 -5.42 18.37
CA SER B 38 -19.54 -5.18 18.37
C SER B 38 -19.95 -4.07 19.33
N ASN B 39 -19.05 -3.67 20.25
CA ASN B 39 -19.32 -2.63 21.25
C ASN B 39 -17.98 -2.03 21.67
N LYS B 40 -17.44 -1.19 20.80
CA LYS B 40 -16.08 -0.70 20.98
C LYS B 40 -16.02 0.23 22.20
N PRO B 41 -14.96 0.14 23.01
CA PRO B 41 -14.82 1.01 24.17
C PRO B 41 -14.81 2.48 23.76
N GLU B 42 -15.45 3.32 24.59
CA GLU B 42 -15.54 4.75 24.30
C GLU B 42 -14.17 5.41 24.16
N TRP B 43 -13.18 4.91 24.90
CA TRP B 43 -11.84 5.51 24.92
C TRP B 43 -11.01 5.13 23.70
N TYR B 44 -11.40 4.11 22.93
CA TYR B 44 -10.51 3.57 21.91
C TYR B 44 -10.23 4.59 20.80
N ALA B 45 -11.28 5.22 20.24
CA ALA B 45 -11.04 6.18 19.16
C ALA B 45 -10.36 7.46 19.63
N PRO B 46 -10.78 8.13 20.71
CA PRO B 46 -10.10 9.37 21.11
C PRO B 46 -8.72 9.18 21.72
N LYS B 47 -8.41 8.00 22.29
CA LYS B 47 -7.12 7.82 22.94
C LYS B 47 -6.15 6.91 22.20
N VAL B 48 -6.62 6.05 21.29
CA VAL B 48 -5.71 5.09 20.66
C VAL B 48 -5.71 5.24 19.15
N ASN B 49 -6.87 5.11 18.52
CA ASN B 49 -6.93 5.12 17.06
C ASN B 49 -8.17 5.85 16.54
N PRO B 50 -8.02 7.05 15.99
CA PRO B 50 -9.19 7.83 15.54
C PRO B 50 -10.02 7.12 14.49
N ALA B 51 -9.43 6.20 13.72
CA ALA B 51 -10.18 5.43 12.74
C ALA B 51 -11.04 4.34 13.38
N SER B 52 -10.82 4.05 14.67
CA SER B 52 -11.59 3.06 15.42
C SER B 52 -11.55 1.69 14.73
N LYS B 53 -10.35 1.25 14.39
CA LYS B 53 -10.14 -0.06 13.80
C LYS B 53 -9.00 -0.76 14.52
N VAL B 54 -8.99 -2.09 14.41
CA VAL B 54 -7.83 -2.88 14.83
C VAL B 54 -7.11 -3.35 13.55
N PRO B 55 -5.80 -3.57 13.63
CA PRO B 55 -4.93 -3.46 14.81
C PRO B 55 -4.42 -2.05 15.07
N ALA B 56 -4.04 -1.81 16.32
CA ALA B 56 -3.29 -0.61 16.66
C ALA B 56 -2.29 -1.00 17.73
N ILE B 57 -1.17 -0.27 17.77
CA ILE B 57 -0.14 -0.45 18.80
C ILE B 57 0.03 0.84 19.59
N ALA B 58 0.14 0.69 20.91
CA ALA B 58 0.66 1.75 21.76
C ALA B 58 2.08 1.36 22.14
N TYR B 59 3.04 2.24 21.82
CA TYR B 59 4.46 1.92 21.92
C TYR B 59 5.12 2.81 22.96
N GLY B 60 5.74 2.19 23.95
CA GLY B 60 6.46 2.96 24.96
C GLY B 60 5.52 3.59 25.99
N GLY B 61 6.04 4.61 26.66
CA GLY B 61 5.33 5.21 27.77
C GLY B 61 5.40 4.33 28.99
N PRO B 62 4.79 4.78 30.08
CA PRO B 62 4.81 4.00 31.33
C PRO B 62 3.88 2.79 31.25
N GLU B 63 4.06 1.89 32.21
CA GLU B 63 3.21 0.71 32.26
C GLU B 63 1.80 1.09 32.70
N VAL B 64 0.83 0.83 31.84
CA VAL B 64 -0.58 1.17 32.08
C VAL B 64 -1.44 -0.03 31.74
N PRO B 65 -2.62 -0.17 32.35
CA PRO B 65 -3.62 -1.08 31.81
C PRO B 65 -3.97 -0.67 30.40
N PRO B 66 -4.08 -1.62 29.47
CA PRO B 66 -4.42 -1.26 28.08
C PRO B 66 -5.72 -0.49 27.95
N ASP B 67 -6.66 -0.63 28.90
CA ASP B 67 -7.87 0.18 28.80
C ASP B 67 -7.71 1.57 29.39
N GLN B 68 -6.50 1.94 29.82
CA GLN B 68 -6.17 3.30 30.25
C GLN B 68 -4.89 3.76 29.58
N PRO B 69 -4.88 3.89 28.26
CA PRO B 69 -3.64 4.23 27.55
C PRO B 69 -3.12 5.58 28.00
N SER B 70 -1.81 5.68 28.02
CA SER B 70 -1.11 6.90 28.39
C SER B 70 -0.98 7.81 27.18
N PRO B 71 -1.15 9.12 27.33
CA PRO B 71 -0.85 10.02 26.19
C PRO B 71 0.60 9.98 25.78
N GLU B 72 1.51 9.47 26.62
CA GLU B 72 2.93 9.47 26.29
C GLU B 72 3.34 8.34 25.34
N SER B 73 2.60 7.25 25.28
CA SER B 73 2.94 6.22 24.30
C SER B 73 2.66 6.70 22.88
N VAL B 74 3.46 6.22 21.94
CA VAL B 74 3.23 6.52 20.52
C VAL B 74 2.15 5.59 20.00
N LYS B 75 1.13 6.16 19.36
CA LYS B 75 0.03 5.36 18.83
C LYS B 75 0.25 5.11 17.34
N LEU B 76 0.18 3.84 16.94
CA LEU B 76 0.42 3.45 15.56
C LEU B 76 -0.73 2.58 15.09
N ALA B 77 -1.01 2.64 13.79
CA ALA B 77 -2.06 1.80 13.21
C ALA B 77 -1.68 1.50 11.77
N GLU B 78 -2.56 0.76 11.09
CA GLU B 78 -2.43 0.17 9.75
C GLU B 78 -1.55 -1.08 9.76
N SER B 79 -2.20 -2.24 9.52
CA SER B 79 -1.56 -3.53 9.70
C SER B 79 -0.21 -3.65 8.98
N LEU B 80 -0.11 -3.21 7.72
CA LEU B 80 1.15 -3.39 7.01
C LEU B 80 2.23 -2.47 7.55
N VAL B 81 1.84 -1.30 8.05
CA VAL B 81 2.77 -0.43 8.77
C VAL B 81 3.27 -1.12 10.04
N LEU B 82 2.36 -1.73 10.79
CA LEU B 82 2.75 -2.39 12.03
C LEU B 82 3.68 -3.58 11.78
N VAL B 83 3.45 -4.32 10.69
CA VAL B 83 4.31 -5.48 10.41
C VAL B 83 5.73 -5.01 10.12
N GLU B 84 5.89 -3.96 9.30
CA GLU B 84 7.23 -3.42 9.05
C GLU B 84 7.81 -2.76 10.29
N PHE B 85 6.96 -2.22 11.19
CA PHE B 85 7.45 -1.67 12.44
C PHE B 85 8.09 -2.76 13.30
N VAL B 86 7.41 -3.89 13.47
CA VAL B 86 8.00 -5.02 14.16
C VAL B 86 9.29 -5.47 13.47
N ALA B 87 9.29 -5.50 12.13
CA ALA B 87 10.50 -5.86 11.39
C ALA B 87 11.64 -4.93 11.75
N ASP B 88 11.35 -3.63 11.82
CA ASP B 88 12.38 -2.63 12.07
C ASP B 88 12.89 -2.71 13.51
N LEU B 89 12.01 -3.08 14.44
CA LEU B 89 12.39 -3.22 15.84
C LEU B 89 13.23 -4.47 16.10
N PHE B 90 13.07 -5.52 15.28
CA PHE B 90 13.64 -6.84 15.52
C PHE B 90 14.42 -7.27 14.28
N PRO B 91 15.67 -6.81 14.15
CA PRO B 91 16.44 -7.05 12.92
C PRO B 91 16.84 -8.50 12.69
N ASN B 92 16.70 -9.38 13.68
CA ASN B 92 16.97 -10.80 13.51
C ASN B 92 15.71 -11.63 13.47
N SER B 93 14.57 -10.99 13.25
CA SER B 93 13.31 -11.71 13.22
C SER B 93 13.07 -12.44 11.91
N GLY B 94 13.69 -11.99 10.82
CA GLY B 94 13.39 -12.56 9.52
C GLY B 94 12.17 -11.96 8.83
N ILE B 95 11.46 -11.04 9.48
CA ILE B 95 10.26 -10.48 8.86
C ILE B 95 10.63 -9.78 7.55
N LEU B 96 11.74 -9.05 7.54
CA LEU B 96 12.30 -8.53 6.30
C LEU B 96 13.76 -8.92 6.19
N SER B 97 14.14 -9.36 4.99
CA SER B 97 15.54 -9.48 4.61
C SER B 97 16.26 -8.13 4.78
N SER B 98 17.58 -8.19 4.96
CA SER B 98 18.37 -6.97 4.89
C SER B 98 18.73 -6.58 3.47
N ASP B 99 18.50 -7.46 2.52
CA ASP B 99 18.93 -7.24 1.15
C ASP B 99 17.96 -6.34 0.41
N PRO B 100 18.43 -5.24 -0.21
CA PRO B 100 17.48 -4.32 -0.90
C PRO B 100 16.59 -4.97 -1.96
N VAL B 101 17.14 -5.77 -2.88
CA VAL B 101 16.31 -6.42 -3.88
C VAL B 101 15.25 -7.30 -3.23
N THR B 102 15.65 -8.09 -2.23
CA THR B 102 14.73 -9.04 -1.61
C THR B 102 13.60 -8.31 -0.89
N ARG B 103 13.93 -7.19 -0.25
CA ARG B 103 12.90 -6.38 0.41
C ARG B 103 11.93 -5.82 -0.62
N ALA B 104 12.44 -5.40 -1.79
CA ALA B 104 11.57 -4.87 -2.83
C ALA B 104 10.63 -5.96 -3.33
N GLN B 105 11.16 -7.16 -3.56
CA GLN B 105 10.31 -8.25 -4.02
C GLN B 105 9.28 -8.63 -2.98
N THR B 106 9.63 -8.50 -1.69
CA THR B 106 8.67 -8.73 -0.61
C THR B 106 7.50 -7.75 -0.71
N ARG B 107 7.81 -6.46 -0.80
CA ARG B 107 6.75 -5.46 -0.90
C ARG B 107 5.97 -5.59 -2.21
N PHE B 108 6.63 -6.05 -3.30
CA PHE B 108 5.93 -6.20 -4.57
C PHE B 108 4.88 -7.30 -4.47
N PHE B 109 5.20 -8.40 -3.79
CA PHE B 109 4.22 -9.45 -3.54
C PHE B 109 3.03 -8.92 -2.75
N ILE B 110 3.30 -8.14 -1.71
CA ILE B 110 2.24 -7.59 -0.89
C ILE B 110 1.34 -6.67 -1.71
N GLU B 111 1.93 -5.93 -2.66
CA GLU B 111 1.11 -5.06 -3.52
C GLU B 111 0.14 -5.86 -4.38
N GLY B 112 0.57 -7.02 -4.87
CA GLY B 112 -0.35 -7.89 -5.60
C GLY B 112 -1.44 -8.44 -4.70
N VAL B 113 -1.09 -8.81 -3.46
CA VAL B 113 -2.10 -9.26 -2.50
C VAL B 113 -3.11 -8.14 -2.20
N SER B 114 -2.61 -6.95 -1.90
CA SER B 114 -3.51 -5.89 -1.45
C SER B 114 -4.35 -5.31 -2.59
N SER B 115 -3.79 -5.21 -3.80
CA SER B 115 -4.48 -4.55 -4.91
C SER B 115 -5.35 -5.49 -5.74
N LYS B 116 -5.02 -6.78 -5.81
CA LYS B 116 -5.76 -7.71 -6.65
C LYS B 116 -6.51 -8.75 -5.82
N LEU B 117 -5.80 -9.51 -4.97
CA LEU B 117 -6.41 -10.69 -4.35
C LEU B 117 -7.43 -10.30 -3.29
N ILE B 118 -7.08 -9.40 -2.38
CA ILE B 118 -8.02 -9.06 -1.31
C ILE B 118 -9.28 -8.41 -1.86
N PRO B 119 -9.21 -7.41 -2.77
CA PRO B 119 -10.47 -6.90 -3.36
C PRO B 119 -11.28 -7.96 -4.09
N ALA B 120 -10.63 -8.87 -4.81
CA ALA B 120 -11.39 -9.88 -5.55
C ALA B 120 -12.09 -10.84 -4.60
N TRP B 121 -11.42 -11.21 -3.51
CA TRP B 121 -12.07 -12.05 -2.51
C TRP B 121 -13.28 -11.35 -1.91
N TYR B 122 -13.13 -10.11 -1.43
CA TYR B 122 -14.29 -9.49 -0.80
C TYR B 122 -15.42 -9.26 -1.81
N ALA B 123 -15.10 -9.01 -3.07
CA ALA B 123 -16.15 -8.86 -4.08
C ALA B 123 -16.92 -10.16 -4.25
N TYR B 124 -16.21 -11.30 -4.26
CA TYR B 124 -16.90 -12.59 -4.40
C TYR B 124 -17.74 -12.90 -3.16
N PHE B 125 -17.16 -12.69 -1.97
CA PHE B 125 -17.78 -13.04 -0.69
C PHE B 125 -18.97 -12.15 -0.37
N LEU B 126 -18.76 -10.83 -0.43
CA LEU B 126 -19.74 -9.84 0.01
C LEU B 126 -20.62 -9.31 -1.10
N ARG B 127 -20.11 -9.20 -2.33
CA ARG B 127 -20.83 -8.55 -3.41
C ARG B 127 -21.42 -9.55 -4.40
N GLY B 128 -21.13 -10.84 -4.25
CA GLY B 128 -21.56 -11.80 -5.24
C GLY B 128 -21.03 -11.53 -6.63
N ALA B 129 -19.85 -10.93 -6.73
CA ALA B 129 -19.18 -10.74 -8.00
C ALA B 129 -18.76 -12.09 -8.58
N SER B 130 -18.38 -12.06 -9.86
CA SER B 130 -17.95 -13.29 -10.51
C SER B 130 -16.70 -13.85 -9.83
N VAL B 131 -16.63 -15.19 -9.79
CA VAL B 131 -15.44 -15.83 -9.29
C VAL B 131 -14.26 -15.59 -10.22
N ASP B 132 -14.52 -15.16 -11.47
CA ASP B 132 -13.47 -14.94 -12.47
C ASP B 132 -12.34 -14.07 -11.94
N ASP B 133 -12.67 -12.94 -11.32
CA ASP B 133 -11.64 -12.03 -10.84
C ASP B 133 -10.86 -12.63 -9.67
N LEU B 134 -11.50 -13.48 -8.87
CA LEU B 134 -10.79 -14.13 -7.79
C LEU B 134 -9.75 -15.11 -8.35
N TYR B 135 -10.12 -15.91 -9.36
CA TYR B 135 -9.13 -16.77 -10.00
C TYR B 135 -8.03 -15.96 -10.68
N THR B 136 -8.40 -14.88 -11.37
CA THR B 136 -7.37 -14.06 -12.01
C THR B 136 -6.38 -13.51 -10.98
N ALA B 137 -6.89 -13.02 -9.86
CA ALA B 137 -5.99 -12.47 -8.85
C ALA B 137 -5.13 -13.56 -8.21
N ALA B 138 -5.73 -14.72 -7.95
CA ALA B 138 -5.00 -15.83 -7.38
C ALA B 138 -3.91 -16.31 -8.34
N GLU B 139 -4.20 -16.33 -9.65
CA GLU B 139 -3.20 -16.76 -10.62
C GLU B 139 -2.03 -15.79 -10.66
N TYR B 140 -2.30 -14.49 -10.53
CA TYR B 140 -1.21 -13.51 -10.48
C TYR B 140 -0.32 -13.73 -9.25
N VAL B 141 -0.93 -13.85 -8.07
CA VAL B 141 -0.13 -14.07 -6.86
C VAL B 141 0.66 -15.36 -6.99
N GLN B 142 0.02 -16.44 -7.45
CA GLN B 142 0.72 -17.71 -7.62
C GLN B 142 1.91 -17.56 -8.55
N SER B 143 1.79 -16.72 -9.59
CA SER B 143 2.86 -16.55 -10.56
C SER B 143 4.11 -15.91 -9.95
N LEU B 144 3.97 -15.26 -8.79
CA LEU B 144 5.10 -14.64 -8.11
C LEU B 144 5.86 -15.61 -7.21
N LEU B 145 5.30 -16.80 -6.95
CA LEU B 145 5.93 -17.72 -6.02
C LEU B 145 7.16 -18.39 -6.65
N PRO B 146 8.22 -18.60 -5.88
CA PRO B 146 9.30 -19.47 -6.35
C PRO B 146 8.85 -20.91 -6.39
N ALA B 147 9.66 -21.74 -7.04
CA ALA B 147 9.30 -23.15 -7.21
C ALA B 147 9.02 -23.82 -5.87
N GLU B 148 9.78 -23.48 -4.84
CA GLU B 148 9.60 -24.05 -3.51
C GLU B 148 9.67 -22.96 -2.47
N GLY B 149 9.02 -23.18 -1.34
CA GLY B 149 9.16 -22.30 -0.20
C GLY B 149 8.12 -21.20 -0.13
N PHE B 150 8.46 -20.18 0.67
CA PHE B 150 7.55 -19.06 0.89
C PHE B 150 7.75 -18.00 -0.20
N ALA B 151 7.08 -16.84 -0.06
CA ALA B 151 6.90 -15.94 -1.20
C ALA B 151 8.23 -15.42 -1.73
N VAL B 152 9.18 -15.13 -0.85
CA VAL B 152 10.49 -14.72 -1.36
C VAL B 152 11.55 -15.67 -0.82
N GLY B 153 11.15 -16.92 -0.58
CA GLY B 153 12.07 -17.89 -0.02
C GLY B 153 11.78 -18.11 1.44
N LYS B 154 12.50 -17.41 2.33
CA LYS B 154 12.29 -17.55 3.77
C LYS B 154 11.06 -16.77 4.20
N PHE B 155 10.33 -17.33 5.18
CA PHE B 155 9.09 -16.72 5.67
C PHE B 155 9.30 -15.25 5.99
N SER B 156 8.40 -14.38 5.52
CA SER B 156 8.63 -12.94 5.55
C SER B 156 7.31 -12.20 5.66
N ALA B 157 7.42 -10.86 5.70
CA ALA B 157 6.24 -10.01 5.70
C ALA B 157 5.28 -10.31 4.55
N ALA B 158 5.79 -10.79 3.41
CA ALA B 158 4.92 -11.14 2.30
C ALA B 158 3.94 -12.26 2.68
N ASP B 159 4.44 -13.29 3.36
CA ASP B 159 3.57 -14.37 3.81
C ASP B 159 2.64 -13.91 4.91
N ILE B 160 3.14 -13.07 5.82
CA ILE B 160 2.33 -12.51 6.90
C ILE B 160 1.15 -11.75 6.32
N ALA B 161 1.39 -10.98 5.25
CA ALA B 161 0.32 -10.17 4.67
C ALA B 161 -0.83 -11.04 4.15
N ILE B 162 -0.51 -12.17 3.53
CA ILE B 162 -1.53 -12.95 2.84
C ILE B 162 -2.17 -14.04 3.70
N ALA B 163 -1.42 -14.65 4.64
CA ALA B 163 -1.93 -15.86 5.31
C ALA B 163 -3.26 -15.65 6.03
N PRO B 164 -3.49 -14.57 6.78
CA PRO B 164 -4.78 -14.40 7.46
C PRO B 164 -5.97 -14.35 6.49
N PHE B 165 -5.74 -13.89 5.25
CA PHE B 165 -6.80 -13.76 4.28
C PHE B 165 -7.06 -15.06 3.55
N LEU B 166 -6.00 -15.83 3.24
CA LEU B 166 -6.24 -17.17 2.70
C LEU B 166 -6.94 -18.06 3.71
N ALA B 167 -6.59 -17.90 4.99
CA ALA B 167 -7.23 -18.71 6.03
C ALA B 167 -8.71 -18.39 6.16
N ARG B 168 -9.07 -17.11 6.08
CA ARG B 168 -10.48 -16.77 6.21
C ARG B 168 -11.26 -16.99 4.91
N ALA B 169 -10.61 -16.88 3.75
CA ALA B 169 -11.25 -17.31 2.51
C ALA B 169 -11.57 -18.80 2.57
N ARG B 170 -10.62 -19.62 3.07
CA ARG B 170 -10.91 -21.05 3.19
C ARG B 170 -12.09 -21.31 4.14
N VAL B 171 -12.07 -20.73 5.34
CA VAL B 171 -13.15 -20.95 6.29
C VAL B 171 -14.48 -20.59 5.67
N SER B 172 -14.53 -19.42 5.00
CA SER B 172 -15.76 -18.98 4.36
C SER B 172 -16.23 -19.97 3.30
N LEU B 173 -15.33 -20.31 2.38
CA LEU B 173 -15.66 -21.19 1.27
C LEU B 173 -16.09 -22.58 1.74
N VAL B 174 -15.29 -23.23 2.59
CA VAL B 174 -15.61 -24.62 2.90
C VAL B 174 -16.86 -24.73 3.76
N ASN B 175 -17.27 -23.66 4.45
CA ASN B 175 -18.51 -23.64 5.20
C ASN B 175 -19.64 -22.96 4.46
N GLU B 176 -19.44 -22.62 3.18
CA GLU B 176 -20.47 -22.04 2.32
C GLU B 176 -21.00 -20.71 2.86
N ILE B 177 -20.17 -19.95 3.56
CA ILE B 177 -20.52 -18.60 3.99
C ILE B 177 -20.21 -17.61 2.87
N GLY B 178 -21.18 -16.78 2.50
CA GLY B 178 -20.96 -15.81 1.45
C GLY B 178 -22.23 -15.53 0.65
N LYS B 179 -22.09 -14.60 -0.30
CA LYS B 179 -23.21 -14.23 -1.18
C LYS B 179 -23.25 -15.04 -2.47
N TYR B 180 -22.14 -15.70 -2.82
CA TYR B 180 -22.13 -16.61 -3.95
C TYR B 180 -23.12 -17.75 -3.73
N PRO B 181 -23.50 -18.48 -4.78
CA PRO B 181 -24.50 -19.55 -4.61
C PRO B 181 -24.06 -20.61 -3.63
N GLU B 182 -24.96 -20.96 -2.71
CA GLU B 182 -24.69 -21.98 -1.70
C GLU B 182 -24.29 -23.29 -2.37
N GLY B 183 -23.24 -23.92 -1.86
CA GLY B 183 -22.69 -25.11 -2.43
C GLY B 183 -21.53 -24.89 -3.39
N ASP B 184 -21.29 -23.64 -3.81
CA ASP B 184 -20.15 -23.34 -4.67
C ASP B 184 -18.85 -23.24 -3.88
N GLY B 185 -18.92 -22.97 -2.57
CA GLY B 185 -17.74 -22.57 -1.84
C GLY B 185 -16.70 -23.66 -1.73
N LYS B 186 -17.13 -24.87 -1.35
CA LYS B 186 -16.15 -25.96 -1.20
C LYS B 186 -15.46 -26.25 -2.52
N LYS B 187 -16.20 -26.16 -3.63
CA LYS B 187 -15.61 -26.36 -4.94
C LYS B 187 -14.62 -25.27 -5.30
N VAL B 188 -14.88 -24.02 -4.89
CA VAL B 188 -13.96 -22.93 -5.21
C VAL B 188 -12.66 -23.07 -4.42
N TRP B 189 -12.75 -23.42 -3.13
CA TRP B 189 -11.51 -23.62 -2.38
C TRP B 189 -10.72 -24.78 -2.95
N ALA B 190 -11.39 -25.88 -3.33
CA ALA B 190 -10.67 -26.96 -3.98
C ALA B 190 -10.01 -26.49 -5.26
N ALA B 191 -10.72 -25.70 -6.05
CA ALA B 191 -10.17 -25.20 -7.30
C ALA B 191 -8.96 -24.29 -7.07
N LEU B 192 -8.99 -23.46 -6.00
CA LEU B 192 -7.89 -22.55 -5.70
C LEU B 192 -6.67 -23.24 -5.17
N THR B 193 -6.73 -24.55 -4.93
CA THR B 193 -5.63 -25.27 -4.28
C THR B 193 -5.26 -26.54 -5.04
N SER B 194 -5.70 -26.71 -6.28
CA SER B 194 -5.37 -27.90 -7.06
C SER B 194 -5.35 -27.56 -8.55
N GLY B 195 -4.93 -28.54 -9.34
CA GLY B 195 -4.92 -28.34 -10.77
C GLY B 195 -4.00 -27.19 -11.15
N LYS B 196 -4.54 -26.24 -11.91
CA LYS B 196 -3.73 -25.08 -12.28
C LYS B 196 -3.29 -24.29 -11.05
N PHE B 197 -3.94 -24.48 -9.91
CA PHE B 197 -3.57 -23.79 -8.68
C PHE B 197 -2.87 -24.72 -7.69
N ALA B 198 -2.25 -25.80 -8.18
CA ALA B 198 -1.53 -26.70 -7.29
C ALA B 198 -0.43 -25.97 -6.51
N ARG B 199 0.31 -25.07 -7.17
CA ARG B 199 1.37 -24.35 -6.46
C ARG B 199 0.80 -23.54 -5.30
N LEU B 200 -0.31 -22.84 -5.54
CA LEU B 200 -0.97 -22.05 -4.49
C LEU B 200 -1.50 -22.96 -3.37
N GLY B 201 -1.95 -24.16 -3.73
CA GLY B 201 -2.41 -25.08 -2.70
C GLY B 201 -1.28 -25.52 -1.78
N LYS B 202 -0.10 -25.75 -2.36
CA LYS B 202 1.07 -26.12 -1.56
C LYS B 202 1.51 -24.94 -0.70
N TYR B 203 1.46 -23.73 -1.27
CA TYR B 203 1.75 -22.53 -0.51
C TYR B 203 0.80 -22.38 0.68
N ALA B 204 -0.50 -22.60 0.46
CA ALA B 204 -1.45 -22.45 1.56
C ALA B 204 -1.15 -23.45 2.67
N GLU B 205 -0.85 -24.70 2.30
CA GLU B 205 -0.49 -25.71 3.28
C GLU B 205 0.71 -25.28 4.10
N ASP B 206 1.74 -24.75 3.44
CA ASP B 206 2.94 -24.33 4.14
C ASP B 206 2.64 -23.15 5.06
N LEU B 207 1.81 -22.22 4.60
CA LEU B 207 1.45 -21.07 5.43
C LEU B 207 0.71 -21.50 6.69
N PHE B 208 -0.31 -22.36 6.52
CA PHE B 208 -1.14 -22.70 7.66
C PHE B 208 -0.39 -23.57 8.67
N ALA B 209 0.70 -24.21 8.24
CA ALA B 209 1.53 -25.00 9.13
C ALA B 209 2.60 -24.19 9.86
N ARG B 210 2.77 -22.92 9.51
CA ARG B 210 3.74 -22.08 10.18
C ARG B 210 3.29 -21.85 11.61
N GLU B 211 4.21 -22.01 12.57
CA GLU B 211 3.82 -21.95 13.98
C GLU B 211 3.23 -20.59 14.34
N SER B 212 3.79 -19.51 13.80
CA SER B 212 3.27 -18.17 14.10
C SER B 212 1.87 -17.99 13.54
N PHE B 213 1.52 -18.70 12.47
CA PHE B 213 0.15 -18.66 11.99
C PHE B 213 -0.77 -19.50 12.86
N SER B 214 -0.41 -20.77 13.08
CA SER B 214 -1.34 -21.66 13.74
C SER B 214 -1.60 -21.21 15.17
N SER B 215 -0.57 -20.67 15.83
CA SER B 215 -0.73 -20.21 17.21
C SER B 215 -1.55 -18.93 17.31
N THR B 216 -1.82 -18.25 16.19
CA THR B 216 -2.60 -17.02 16.21
C THR B 216 -3.92 -17.17 15.46
N PHE B 217 -4.33 -18.39 15.12
CA PHE B 217 -5.57 -18.64 14.39
C PHE B 217 -6.42 -19.63 15.17
N ASP B 218 -7.66 -19.26 15.45
CA ASP B 218 -8.61 -20.10 16.17
C ASP B 218 -9.73 -20.43 15.17
N GLU B 219 -9.61 -21.55 14.47
CA GLU B 219 -10.52 -21.84 13.37
C GLU B 219 -11.95 -22.02 13.87
N ASP B 220 -12.14 -22.68 15.02
CA ASP B 220 -13.49 -22.81 15.55
C ASP B 220 -14.10 -21.44 15.84
N TYR B 221 -13.36 -20.56 16.51
CA TYR B 221 -13.87 -19.21 16.79
C TYR B 221 -14.21 -18.49 15.49
N VAL B 222 -13.29 -18.51 14.53
CA VAL B 222 -13.48 -17.73 13.31
C VAL B 222 -14.67 -18.26 12.52
N THR B 223 -14.80 -19.59 12.43
CA THR B 223 -15.92 -20.20 11.74
C THR B 223 -17.25 -19.81 12.38
N LYS B 224 -17.32 -19.88 13.72
CA LYS B 224 -18.56 -19.51 14.41
C LYS B 224 -18.85 -18.03 14.24
N ALA B 225 -17.81 -17.19 14.36
CA ALA B 225 -17.99 -15.75 14.24
C ALA B 225 -18.45 -15.35 12.85
N PHE B 226 -17.85 -15.92 11.81
CA PHE B 226 -18.26 -15.63 10.45
C PHE B 226 -19.68 -16.12 10.18
N SER B 227 -20.02 -17.32 10.69
CA SER B 227 -21.36 -17.85 10.46
C SER B 227 -22.44 -16.94 11.06
N ALA B 228 -22.19 -16.42 12.26
CA ALA B 228 -23.16 -15.51 12.87
C ALA B 228 -23.20 -14.18 12.13
N ARG B 229 -22.04 -13.61 11.84
CA ARG B 229 -22.00 -12.26 11.26
C ARG B 229 -22.64 -12.24 9.87
N PHE B 230 -22.38 -13.26 9.06
CA PHE B 230 -22.74 -13.23 7.65
C PHE B 230 -23.88 -14.18 7.31
N ALA B 231 -24.72 -14.50 8.29
CA ALA B 231 -25.84 -15.41 8.06
C ALA B 231 -26.86 -14.85 7.07
N ASP B 232 -26.89 -13.52 6.86
CA ASP B 232 -27.91 -12.92 6.02
C ASP B 232 -27.38 -12.46 4.65
N LEU B 233 -26.21 -12.96 4.21
CA LEU B 233 -25.75 -12.56 2.88
C LEU B 233 -26.63 -13.09 1.78
N ARG B 234 -27.36 -14.18 2.03
CA ARG B 234 -28.26 -14.77 1.06
C ARG B 234 -29.71 -14.54 1.46
N SER B 235 -30.57 -14.37 0.45
CA SER B 235 -32.00 -14.27 0.69
C SER B 235 -32.54 -15.53 1.37
N LYS B 236 -33.53 -15.32 2.26
CA LYS B 236 -34.26 -16.43 2.88
C LYS B 236 -35.25 -17.09 1.93
N HIS B 237 -35.44 -16.54 0.72
CA HIS B 237 -36.40 -17.09 -0.21
C HIS B 237 -35.73 -17.74 -1.41
N1 GSH C . 0.65 1.02 -9.15
CA1 GSH C . 1.55 1.60 -10.14
C1 GSH C . 2.71 2.33 -9.45
O11 GSH C . 2.51 2.88 -8.34
O12 GSH C . 3.84 2.36 -10.01
CB1 GSH C . 0.79 2.63 -10.98
CG1 GSH C . 1.65 3.12 -12.14
CD1 GSH C . 0.80 3.77 -13.23
OE1 GSH C . -0.38 3.91 -13.10
N2 GSH C . 1.49 4.23 -14.42
CA2 GSH C . 0.74 4.83 -15.51
C2 GSH C . 1.00 3.88 -16.65
O2 GSH C . 2.11 3.51 -16.90
CB2 GSH C . 1.28 6.20 -15.93
SG2 GSH C . 1.13 7.36 -14.55
N3 GSH C . -0.11 3.40 -17.41
CA3 GSH C . 0.15 2.48 -18.50
C3 GSH C . -0.73 2.93 -19.65
O31 GSH C . -1.30 4.05 -19.58
O32 GSH C . -0.88 2.18 -20.64
N1 EPE D . -4.99 5.52 -12.62
C2 EPE D . -5.59 4.20 -12.39
C3 EPE D . -6.74 4.32 -11.41
N4 EPE D . -6.42 5.10 -10.23
C5 EPE D . -5.53 6.24 -10.32
C6 EPE D . -4.43 6.07 -11.38
C7 EPE D . -7.27 4.89 -9.07
C8 EPE D . -7.18 5.94 -7.99
O8 EPE D . -8.25 5.68 -7.10
C9 EPE D . -3.93 5.36 -13.63
C10 EPE D . -3.57 6.74 -14.17
S EPE D . -2.79 6.73 -15.80
O1S EPE D . -2.47 5.38 -16.26
O2S EPE D . -3.74 7.35 -16.72
O3S EPE D . -1.59 7.54 -15.76
N1 GSH E . -6.51 -0.64 6.72
CA1 GSH E . -6.66 -1.25 8.04
C1 GSH E . -5.41 -2.09 8.35
O11 GSH E . -5.03 -2.23 9.55
O12 GSH E . -4.77 -2.62 7.42
CB1 GSH E . -7.90 -2.13 8.00
CG1 GSH E . -8.19 -2.64 9.42
CD1 GSH E . -9.63 -3.17 9.53
OE1 GSH E . -10.39 -3.17 8.61
N2 GSH E . -10.04 -3.65 10.83
CA2 GSH E . -11.38 -4.13 11.05
C2 GSH E . -12.00 -3.18 12.04
O2 GSH E . -11.42 -2.84 13.01
CB2 GSH E . -11.42 -5.51 11.71
SG2 GSH E . -10.78 -6.78 10.60
N3 GSH E . -13.35 -2.68 11.79
CA3 GSH E . -13.95 -1.78 12.73
C3 GSH E . -14.72 -0.72 11.96
O31 GSH E . -15.55 0.01 12.56
O32 GSH E . -14.55 -0.57 10.72
N1 EPE F . -13.26 -4.35 5.00
C2 EPE F . -13.33 -3.00 4.45
C3 EPE F . -13.17 -2.94 2.92
N4 EPE F . -12.54 -4.09 2.27
C5 EPE F . -12.29 -5.32 2.98
C6 EPE F . -12.12 -5.11 4.48
C7 EPE F . -11.79 -3.83 1.06
C8 EPE F . -12.12 -4.78 -0.08
O8 EPE F . -11.27 -4.44 -1.15
C9 EPE F . -13.14 -4.22 6.46
C10 EPE F . -13.32 -5.57 7.13
S EPE F . -14.32 -5.47 8.64
O1S EPE F . -15.62 -6.06 8.34
O2S EPE F . -14.48 -4.09 9.11
O3S EPE F . -13.68 -6.29 9.67
#